data_4ABT
#
_entry.id   4ABT
#
_cell.length_a   68.899
_cell.length_b   90.081
_cell.length_c   92.711
_cell.angle_alpha   90.00
_cell.angle_beta   90.00
_cell.angle_gamma   90.00
#
_symmetry.space_group_name_H-M   'P 21 21 2'
#
loop_
_entity.id
_entity.type
_entity.pdbx_description
1 polymer 'TYPE-2 RESTRICTION ENZYME NGOMIV'
2 polymer "5'-D(*TP*GP*CP*GP*CP*CP*GP*GP*CP*GP*CP)-3'"
3 non-polymer 'CALCIUM ION'
4 water water
#
loop_
_entity_poly.entity_id
_entity_poly.type
_entity_poly.pdbx_seq_one_letter_code
_entity_poly.pdbx_strand_id
1 'polypeptide(L)'
;MQPLFTQERRIFHKKLLDGNILATNNRGVVSNADGSNTRSFNIAKGIADLLHSETVSERLPGQTSGNAFEAICSEFVQSA
FEKLQHIRPGDWNVKQVGSRNRLEIARYQQYAHLTALAKAAEENPELAAALGSDYTITPDIIVTRNLIADAEINRNEFLV
DENIATYASLRAGNGNMPLLHASISCKWTIRSDRAQNARSEGLNLVRNRKGRLPHIVVVTAEPTPSRISSIALGTGEIDC
VYHFALYELEQILQSLNYEDALDLFYIMVNGKRLKDISDLPLDLAV
;
A,B
2 'polydeoxyribonucleotide' (DT)(DG)(DC)(DG)(DC)(DC)(DG)(DG)(DC)(DG)(DC) E,G
#
loop_
_chem_comp.id
_chem_comp.type
_chem_comp.name
_chem_comp.formula
CA non-polymer 'CALCIUM ION' 'Ca 2'
DC DNA linking 2'-DEOXYCYTIDINE-5'-MONOPHOSPHATE 'C9 H14 N3 O7 P'
DG DNA linking 2'-DEOXYGUANOSINE-5'-MONOPHOSPHATE 'C10 H14 N5 O7 P'
DT DNA linking THYMIDINE-5'-MONOPHOSPHATE 'C10 H15 N2 O8 P'
#
# COMPACT_ATOMS: atom_id res chain seq x y z
N MET A 1 26.26 19.52 -15.03
CA MET A 1 24.76 19.53 -14.98
C MET A 1 24.21 19.52 -13.54
N GLN A 2 22.97 19.96 -13.39
CA GLN A 2 22.21 19.63 -12.19
C GLN A 2 21.85 18.14 -12.20
N PRO A 3 21.59 17.56 -11.01
CA PRO A 3 20.95 16.27 -11.01
C PRO A 3 19.65 16.33 -11.79
N LEU A 4 19.22 15.22 -12.35
CA LEU A 4 18.07 15.27 -13.25
C LEU A 4 16.78 15.66 -12.54
N PHE A 5 16.62 15.24 -11.29
CA PHE A 5 15.41 15.60 -10.54
C PHE A 5 15.33 17.08 -10.21
N THR A 6 16.49 17.72 -10.09
CA THR A 6 16.54 19.16 -9.89
C THR A 6 16.13 19.84 -11.18
N GLN A 7 16.64 19.39 -12.32
CA GLN A 7 16.16 19.87 -13.64
C GLN A 7 14.65 19.66 -13.84
N GLU A 8 14.13 18.51 -13.41
CA GLU A 8 12.69 18.24 -13.58
C GLU A 8 11.90 19.22 -12.70
N ARG A 9 12.44 19.51 -11.52
CA ARG A 9 11.73 20.36 -10.59
C ARG A 9 11.63 21.74 -11.17
N ARG A 10 12.71 22.25 -11.75
CA ARG A 10 12.75 23.57 -12.42
C ARG A 10 11.86 23.62 -13.67
N ILE A 11 11.78 22.53 -14.42
CA ILE A 11 10.84 22.46 -15.53
C ILE A 11 9.35 22.53 -15.08
N PHE A 12 9.06 21.97 -13.90
CA PHE A 12 7.70 21.99 -13.34
C PHE A 12 7.40 23.42 -12.92
N HIS A 13 8.28 24.05 -12.16
CA HIS A 13 8.10 25.46 -11.89
C HIS A 13 7.94 26.36 -13.15
N LYS A 14 8.79 26.17 -14.16
CA LYS A 14 8.72 27.05 -15.33
C LYS A 14 7.45 26.84 -16.15
N LYS A 15 6.88 25.64 -16.06
CA LYS A 15 5.58 25.42 -16.68
C LYS A 15 4.48 26.26 -15.99
N LEU A 16 4.55 26.40 -14.67
CA LEU A 16 3.59 27.24 -13.92
C LEU A 16 3.78 28.74 -14.17
N LEU A 17 5.02 29.24 -14.23
CA LEU A 17 5.30 30.65 -14.57
C LEU A 17 4.99 30.98 -16.01
N ASP A 18 5.48 30.15 -16.94
CA ASP A 18 5.31 30.36 -18.37
C ASP A 18 3.83 30.24 -18.77
N GLY A 19 3.11 29.30 -18.17
CA GLY A 19 1.72 29.08 -18.49
C GLY A 19 0.73 30.06 -17.83
N ASN A 20 1.26 31.08 -17.15
CA ASN A 20 0.47 32.05 -16.40
C ASN A 20 -0.37 31.50 -15.23
N ILE A 21 -0.06 30.28 -14.82
CA ILE A 21 -0.72 29.68 -13.69
C ILE A 21 -0.25 30.34 -12.41
N LEU A 22 1.08 30.46 -12.25
CA LEU A 22 1.66 31.18 -11.10
C LEU A 22 2.10 32.54 -11.61
N ALA A 23 1.48 33.62 -11.14
CA ALA A 23 1.85 34.98 -11.60
C ALA A 23 1.33 36.03 -10.61
N THR A 24 1.60 37.31 -10.87
CA THR A 24 1.23 38.39 -9.95
C THR A 24 0.32 39.34 -10.75
N ASN A 25 -0.81 39.72 -10.16
CA ASN A 25 -1.71 40.59 -10.86
C ASN A 25 -1.27 42.03 -10.67
N ASN A 26 -2.03 43.01 -11.21
CA ASN A 26 -1.56 44.42 -11.11
C ASN A 26 -1.54 45.00 -9.71
N ARG A 27 -2.19 44.30 -8.75
CA ARG A 27 -2.22 44.69 -7.31
C ARG A 27 -1.13 44.05 -6.42
N GLY A 28 -0.25 43.23 -7.02
CA GLY A 28 0.84 42.62 -6.25
C GLY A 28 0.45 41.27 -5.62
N VAL A 29 -0.76 40.80 -5.93
CA VAL A 29 -1.25 39.53 -5.40
C VAL A 29 -0.76 38.37 -6.28
N VAL A 30 0.07 37.50 -5.72
CA VAL A 30 0.51 36.27 -6.41
C VAL A 30 -0.66 35.30 -6.49
N SER A 31 -0.77 34.59 -7.61
CA SER A 31 -2.02 33.89 -7.99
C SER A 31 -2.36 32.58 -7.19
N ASN A 32 -1.46 32.10 -6.35
CA ASN A 32 -1.88 31.05 -5.39
C ASN A 32 -2.16 31.67 -4.02
N ALA A 33 -2.10 33.01 -3.92
CA ALA A 33 -2.42 33.63 -2.61
C ALA A 33 -3.89 33.87 -2.43
N ASP A 34 -4.27 34.02 -1.16
CA ASP A 34 -5.56 34.53 -0.79
C ASP A 34 -5.28 36.02 -0.48
N GLY A 35 -5.68 36.85 -1.44
CA GLY A 35 -5.31 38.26 -1.45
C GLY A 35 -5.80 39.02 -0.24
N SER A 36 -6.80 38.49 0.45
CA SER A 36 -7.40 39.24 1.55
C SER A 36 -6.58 39.07 2.86
N ASN A 37 -5.58 38.19 2.79
CA ASN A 37 -4.85 37.83 3.99
C ASN A 37 -3.37 38.20 3.90
N THR A 38 -2.90 39.02 4.81
CA THR A 38 -1.50 39.49 4.69
C THR A 38 -0.47 38.35 4.68
N ARG A 39 -0.60 37.36 5.55
CA ARG A 39 0.42 36.33 5.62
C ARG A 39 0.47 35.51 4.32
N SER A 40 -0.70 35.08 3.81
CA SER A 40 -0.77 34.32 2.56
C SER A 40 -0.27 35.17 1.41
N PHE A 41 -0.58 36.45 1.42
CA PHE A 41 -0.03 37.39 0.42
C PHE A 41 1.51 37.39 0.45
N ASN A 42 2.09 37.59 1.64
CA ASN A 42 3.53 37.71 1.81
C ASN A 42 4.25 36.41 1.52
N ILE A 43 3.70 35.28 1.97
CA ILE A 43 4.36 33.96 1.79
C ILE A 43 4.37 33.61 0.31
N ALA A 44 3.26 33.89 -0.37
CA ALA A 44 3.15 33.59 -1.81
C ALA A 44 4.09 34.47 -2.66
N LYS A 45 4.17 35.75 -2.29
CA LYS A 45 5.05 36.67 -3.02
C LYS A 45 6.51 36.23 -2.83
N GLY A 46 6.83 35.85 -1.60
CA GLY A 46 8.15 35.34 -1.27
C GLY A 46 8.50 34.09 -2.07
N ILE A 47 7.55 33.16 -2.20
CA ILE A 47 7.77 31.96 -3.05
C ILE A 47 7.96 32.38 -4.52
N ALA A 48 7.12 33.28 -5.03
CA ALA A 48 7.26 33.70 -6.45
C ALA A 48 8.61 34.35 -6.73
N ASP A 49 9.12 35.11 -5.77
CA ASP A 49 10.41 35.76 -5.91
C ASP A 49 11.54 34.74 -6.01
N LEU A 50 11.52 33.72 -5.14
CA LEU A 50 12.51 32.63 -5.16
C LEU A 50 12.44 31.70 -6.40
N LEU A 51 11.26 31.70 -7.06
CA LEU A 51 11.04 30.99 -8.34
C LEU A 51 11.34 31.92 -9.54
N HIS A 52 11.64 33.18 -9.27
CA HIS A 52 11.96 34.15 -10.29
C HIS A 52 10.76 34.41 -11.13
N SER A 53 9.61 34.52 -10.50
CA SER A 53 8.39 34.82 -11.26
C SER A 53 8.39 36.27 -11.66
N GLU A 54 8.12 36.50 -12.93
CA GLU A 54 8.27 37.84 -13.54
C GLU A 54 6.98 38.37 -14.19
N THR A 55 6.05 37.47 -14.51
CA THR A 55 4.86 37.87 -15.24
C THR A 55 3.81 38.64 -14.44
N VAL A 56 3.19 39.62 -15.09
CA VAL A 56 2.05 40.31 -14.55
C VAL A 56 0.86 39.98 -15.43
N SER A 57 -0.15 39.39 -14.80
CA SER A 57 -1.44 39.11 -15.44
C SER A 57 -2.44 38.82 -14.35
N GLU A 58 -3.70 38.83 -14.72
CA GLU A 58 -4.78 38.62 -13.77
C GLU A 58 -4.90 37.12 -13.52
N ARG A 59 -5.42 36.82 -12.35
CA ARG A 59 -5.64 35.47 -11.88
C ARG A 59 -6.52 34.74 -12.85
N LEU A 60 -6.14 33.52 -13.19
CA LEU A 60 -6.98 32.69 -14.06
C LEU A 60 -8.19 32.19 -13.28
N PRO A 61 -9.28 31.86 -14.00
CA PRO A 61 -10.41 31.18 -13.32
C PRO A 61 -9.90 29.96 -12.55
N GLY A 62 -10.48 29.74 -11.38
CA GLY A 62 -10.19 28.57 -10.57
C GLY A 62 -10.16 27.30 -11.38
N GLN A 63 -11.09 27.12 -12.28
CA GLN A 63 -11.21 25.86 -12.99
C GLN A 63 -10.01 25.62 -13.89
N THR A 64 -9.42 26.71 -14.35
CA THR A 64 -8.35 26.63 -15.29
C THR A 64 -7.06 26.40 -14.53
N SER A 65 -6.82 27.11 -13.45
CA SER A 65 -5.60 26.85 -12.73
C SER A 65 -5.62 25.45 -12.18
N GLY A 66 -6.79 24.98 -11.74
CA GLY A 66 -6.94 23.63 -11.17
C GLY A 66 -6.48 22.55 -12.17
N ASN A 67 -7.09 22.57 -13.35
CA ASN A 67 -6.75 21.68 -14.44
C ASN A 67 -5.30 21.84 -14.87
N ALA A 68 -4.84 23.06 -15.02
CA ALA A 68 -3.49 23.22 -15.52
C ALA A 68 -2.48 22.70 -14.51
N PHE A 69 -2.68 23.00 -13.23
CA PHE A 69 -1.78 22.51 -12.20
C PHE A 69 -1.73 21.00 -12.24
N GLU A 70 -2.85 20.38 -12.48
CA GLU A 70 -2.96 18.92 -12.53
C GLU A 70 -2.17 18.26 -13.70
N ALA A 71 -2.34 18.79 -14.92
CA ALA A 71 -1.57 18.36 -16.09
C ALA A 71 -0.07 18.44 -15.83
N ILE A 72 0.39 19.54 -15.31
CA ILE A 72 1.80 19.78 -15.05
C ILE A 72 2.37 18.92 -13.93
N CYS A 73 1.59 18.61 -12.90
CA CYS A 73 2.02 17.64 -11.88
C CYS A 73 2.21 16.28 -12.53
N SER A 74 1.24 15.93 -13.36
CA SER A 74 1.13 14.64 -14.04
C SER A 74 2.35 14.41 -14.92
N GLU A 75 2.75 15.48 -15.65
CA GLU A 75 3.93 15.47 -16.53
C GLU A 75 5.21 15.34 -15.70
N PHE A 76 5.28 16.04 -14.56
CA PHE A 76 6.44 15.91 -13.68
C PHE A 76 6.61 14.48 -13.21
N VAL A 77 5.53 13.88 -12.71
CA VAL A 77 5.59 12.49 -12.18
C VAL A 77 6.03 11.50 -13.27
N GLN A 78 5.35 11.54 -14.40
CA GLN A 78 5.69 10.70 -15.54
C GLN A 78 7.16 10.80 -15.98
N SER A 79 7.70 12.02 -16.07
CA SER A 79 9.04 12.14 -16.61
C SER A 79 10.05 11.72 -15.55
N ALA A 80 9.79 12.03 -14.30
CA ALA A 80 10.74 11.72 -13.24
C ALA A 80 10.70 10.23 -12.80
N PHE A 81 9.51 9.66 -12.63
CA PHE A 81 9.32 8.23 -12.29
C PHE A 81 9.90 7.26 -13.32
N GLU A 82 9.87 7.63 -14.59
CA GLU A 82 10.49 6.83 -15.60
C GLU A 82 12.00 6.59 -15.43
N LYS A 83 12.71 7.49 -14.72
CA LYS A 83 14.13 7.34 -14.42
C LYS A 83 14.43 6.27 -13.37
N LEU A 84 13.40 5.71 -12.75
CA LEU A 84 13.53 4.83 -11.55
C LEU A 84 13.26 3.33 -11.83
N GLN A 85 13.50 2.90 -13.08
CA GLN A 85 13.13 1.58 -13.54
C GLN A 85 13.97 0.51 -12.87
N HIS A 86 15.18 0.90 -12.49
CA HIS A 86 16.12 0.03 -11.84
C HIS A 86 15.79 -0.15 -10.35
N ILE A 87 15.06 0.79 -9.77
CA ILE A 87 14.60 0.51 -8.39
C ILE A 87 13.12 0.13 -8.24
N ARG A 88 12.29 0.45 -9.25
CA ARG A 88 10.89 0.06 -9.31
C ARG A 88 10.48 -0.27 -10.76
N PRO A 89 10.94 -1.43 -11.28
CA PRO A 89 10.62 -1.71 -12.69
C PRO A 89 9.17 -1.99 -12.98
N GLY A 90 8.84 -1.79 -14.26
CA GLY A 90 7.56 -2.17 -14.80
C GLY A 90 7.11 -1.37 -16.00
N ASP A 91 5.89 -1.65 -16.42
CA ASP A 91 5.31 -1.01 -17.58
C ASP A 91 4.23 -0.03 -17.09
N TRP A 92 4.63 1.22 -16.87
CA TRP A 92 3.91 2.12 -16.00
C TRP A 92 3.17 3.04 -16.86
N ASN A 93 2.01 3.46 -16.45
CA ASN A 93 1.34 4.55 -17.11
C ASN A 93 0.92 5.61 -16.10
N VAL A 94 0.94 6.86 -16.54
CA VAL A 94 0.56 7.98 -15.70
C VAL A 94 -0.49 8.69 -16.51
N LYS A 95 -1.66 8.88 -15.91
CA LYS A 95 -2.77 9.50 -16.65
C LYS A 95 -3.58 10.49 -15.82
N GLN A 96 -4.13 11.47 -16.52
CA GLN A 96 -4.84 12.52 -15.85
C GLN A 96 -6.26 12.33 -16.25
N VAL A 97 -6.97 11.69 -15.30
CA VAL A 97 -8.33 11.17 -15.45
C VAL A 97 -9.51 12.13 -15.82
N GLY A 98 -9.87 13.03 -14.91
CA GLY A 98 -10.88 14.07 -15.20
C GLY A 98 -12.29 13.70 -14.81
N SER A 99 -13.13 14.72 -14.64
CA SER A 99 -14.52 14.53 -14.26
C SER A 99 -15.34 13.98 -15.43
N ARG A 100 -14.83 14.21 -16.65
CA ARG A 100 -15.53 13.76 -17.85
C ARG A 100 -15.88 12.27 -17.77
N ASN A 101 -14.86 11.45 -17.55
CA ASN A 101 -15.06 10.01 -17.48
C ASN A 101 -15.56 9.57 -16.11
N ARG A 102 -16.26 8.44 -16.08
CA ARG A 102 -16.80 7.91 -14.83
C ARG A 102 -16.42 6.44 -14.65
N LEU A 103 -16.36 6.00 -13.40
CA LEU A 103 -15.98 4.63 -13.10
C LEU A 103 -14.58 4.31 -13.62
N GLU A 104 -13.62 5.20 -13.35
CA GLU A 104 -12.23 5.04 -13.80
C GLU A 104 -11.40 4.02 -12.98
N ILE A 105 -11.43 4.08 -11.64
CA ILE A 105 -10.65 3.11 -10.82
C ILE A 105 -11.07 1.65 -11.04
N ALA A 106 -12.34 1.46 -11.40
CA ALA A 106 -12.88 0.12 -11.59
C ALA A 106 -12.25 -0.59 -12.81
N ARG A 107 -11.51 0.15 -13.61
CA ARG A 107 -10.72 -0.47 -14.67
C ARG A 107 -9.48 -1.11 -14.11
N TYR A 108 -9.23 -0.94 -12.80
CA TYR A 108 -8.05 -1.53 -12.21
C TYR A 108 -8.37 -2.67 -11.25
N GLN A 109 -7.48 -3.62 -11.18
CA GLN A 109 -7.77 -4.87 -10.50
C GLN A 109 -8.38 -4.76 -9.06
N GLN A 110 -7.82 -3.87 -8.23
CA GLN A 110 -8.21 -3.85 -6.82
C GLN A 110 -9.58 -3.27 -6.65
N TYR A 111 -10.07 -2.58 -7.67
CA TYR A 111 -11.32 -1.95 -7.51
C TYR A 111 -12.33 -2.36 -8.57
N ALA A 112 -12.03 -3.41 -9.37
CA ALA A 112 -12.94 -3.82 -10.47
C ALA A 112 -14.33 -4.24 -10.00
N HIS A 113 -14.46 -4.79 -8.78
CA HIS A 113 -15.76 -5.20 -8.24
C HIS A 113 -16.80 -4.07 -8.18
N LEU A 114 -16.30 -2.84 -8.15
CA LEU A 114 -17.16 -1.63 -8.15
C LEU A 114 -18.03 -1.51 -9.40
N THR A 115 -17.57 -2.02 -10.54
CA THR A 115 -18.37 -2.14 -11.76
C THR A 115 -19.52 -3.10 -11.54
N ALA A 116 -19.21 -4.30 -11.08
CA ALA A 116 -20.28 -5.22 -10.79
C ALA A 116 -21.25 -4.61 -9.80
N LEU A 117 -20.76 -3.94 -8.76
CA LEU A 117 -21.65 -3.35 -7.76
C LEU A 117 -22.61 -2.32 -8.37
N ALA A 118 -22.07 -1.40 -9.14
CA ALA A 118 -22.87 -0.43 -9.88
C ALA A 118 -23.85 -1.08 -10.86
N LYS A 119 -23.45 -2.09 -11.64
CA LYS A 119 -24.40 -2.78 -12.55
C LYS A 119 -25.55 -3.35 -11.74
N ALA A 120 -25.25 -3.91 -10.56
CA ALA A 120 -26.26 -4.56 -9.72
C ALA A 120 -27.28 -3.55 -9.14
N ALA A 121 -26.77 -2.44 -8.62
CA ALA A 121 -27.59 -1.35 -8.16
C ALA A 121 -28.49 -0.87 -9.31
N GLU A 122 -27.90 -0.67 -10.49
CA GLU A 122 -28.62 -0.09 -11.65
C GLU A 122 -29.87 -0.88 -12.13
N GLU A 123 -29.83 -2.21 -12.02
CA GLU A 123 -30.95 -3.04 -12.45
C GLU A 123 -32.01 -3.22 -11.37
N ASN A 124 -31.58 -3.18 -10.11
CA ASN A 124 -32.49 -3.38 -8.98
C ASN A 124 -32.52 -2.21 -7.98
N PRO A 125 -33.57 -1.37 -8.05
CA PRO A 125 -33.64 -0.14 -7.23
C PRO A 125 -33.71 -0.39 -5.72
N GLU A 126 -34.34 -1.51 -5.34
CA GLU A 126 -34.39 -1.98 -3.95
C GLU A 126 -32.98 -2.27 -3.43
N LEU A 127 -32.16 -2.85 -4.33
CA LEU A 127 -30.74 -3.11 -4.05
C LEU A 127 -29.95 -1.79 -4.07
N ALA A 128 -30.24 -0.95 -5.06
CA ALA A 128 -29.56 0.33 -5.12
C ALA A 128 -29.74 1.09 -3.76
N ALA A 129 -30.96 1.09 -3.25
CA ALA A 129 -31.30 1.69 -1.96
C ALA A 129 -30.68 0.99 -0.75
N ALA A 130 -30.75 -0.35 -0.74
CA ALA A 130 -30.18 -1.14 0.35
C ALA A 130 -28.70 -0.86 0.54
N LEU A 131 -27.95 -0.93 -0.56
CA LEU A 131 -26.52 -0.64 -0.56
C LEU A 131 -26.29 0.82 -0.12
N GLY A 132 -27.26 1.66 -0.47
CA GLY A 132 -27.11 3.09 -0.41
C GLY A 132 -26.11 3.55 -1.48
N SER A 133 -24.84 3.68 -1.08
CA SER A 133 -23.76 4.29 -1.89
C SER A 133 -23.79 4.01 -3.40
N ASP A 134 -23.60 5.07 -4.19
CA ASP A 134 -23.50 4.95 -5.64
C ASP A 134 -22.17 5.53 -6.15
N TYR A 135 -22.18 6.82 -6.48
CA TYR A 135 -20.99 7.49 -6.99
C TYR A 135 -19.74 6.73 -6.56
N THR A 136 -18.67 6.87 -7.34
CA THR A 136 -17.43 6.14 -7.05
C THR A 136 -16.17 6.99 -7.25
N ILE A 137 -15.00 6.39 -6.99
CA ILE A 137 -13.69 7.07 -6.79
C ILE A 137 -13.05 7.60 -8.08
N THR A 138 -12.72 8.89 -8.06
CA THR A 138 -12.17 9.60 -9.25
C THR A 138 -10.95 10.45 -8.89
N PRO A 139 -9.76 9.84 -8.88
CA PRO A 139 -8.57 10.60 -8.50
C PRO A 139 -8.16 11.56 -9.60
N ASP A 140 -7.36 12.55 -9.27
CA ASP A 140 -6.92 13.48 -10.31
C ASP A 140 -5.98 12.84 -11.29
N ILE A 141 -4.97 12.14 -10.75
CA ILE A 141 -3.92 11.53 -11.56
C ILE A 141 -3.73 10.11 -11.05
N ILE A 142 -3.67 9.12 -11.94
CA ILE A 142 -3.37 7.79 -11.44
C ILE A 142 -2.08 7.33 -12.07
N VAL A 143 -1.34 6.45 -11.39
CA VAL A 143 -0.23 5.70 -11.99
C VAL A 143 -0.70 4.27 -11.95
N THR A 144 -0.59 3.57 -13.08
CA THR A 144 -1.07 2.20 -13.15
C THR A 144 0.09 1.34 -13.60
N ARG A 145 0.05 0.04 -13.29
CA ARG A 145 1.05 -0.90 -13.75
C ARG A 145 0.39 -1.94 -14.68
N ASN A 146 0.92 -2.13 -15.90
CA ASN A 146 0.45 -3.24 -16.72
C ASN A 146 1.08 -4.52 -16.29
N LEU A 147 0.42 -5.60 -16.65
CA LEU A 147 0.76 -6.92 -16.14
C LEU A 147 1.93 -7.50 -16.93
N ILE A 148 2.51 -8.56 -16.39
CA ILE A 148 3.79 -9.10 -16.81
C ILE A 148 3.64 -10.50 -17.45
N ALA A 149 4.43 -10.77 -18.50
CA ALA A 149 4.35 -12.04 -19.22
C ALA A 149 5.02 -13.15 -18.44
N ASP A 150 4.64 -14.39 -18.70
CA ASP A 150 5.34 -15.50 -18.06
C ASP A 150 6.82 -15.50 -18.38
N ALA A 151 7.18 -15.07 -19.59
CA ALA A 151 8.61 -15.07 -20.01
C ALA A 151 9.45 -14.14 -19.18
N GLU A 152 8.81 -13.10 -18.68
CA GLU A 152 9.51 -12.13 -17.90
C GLU A 152 9.62 -12.55 -16.41
N ILE A 153 8.59 -13.19 -15.87
CA ILE A 153 8.67 -13.84 -14.53
C ILE A 153 9.78 -14.91 -14.59
N ASN A 154 9.76 -15.70 -15.67
CA ASN A 154 10.76 -16.75 -15.95
C ASN A 154 12.01 -16.29 -16.74
N ARG A 155 12.19 -14.97 -16.91
CA ARG A 155 13.42 -14.40 -17.50
C ARG A 155 14.69 -15.14 -17.12
N ASN A 156 14.93 -15.30 -15.83
CA ASN A 156 16.19 -15.87 -15.35
C ASN A 156 16.17 -17.33 -14.99
N GLU A 157 14.99 -17.78 -14.58
CA GLU A 157 14.79 -19.08 -13.95
C GLU A 157 13.42 -19.65 -14.30
N PHE A 158 13.28 -20.97 -14.22
CA PHE A 158 12.00 -21.60 -14.44
C PHE A 158 11.16 -21.52 -13.16
N LEU A 159 10.56 -20.35 -12.91
CA LEU A 159 9.82 -20.10 -11.65
C LEU A 159 8.38 -20.68 -11.59
N VAL A 160 7.64 -20.46 -12.68
CA VAL A 160 6.23 -20.79 -12.74
C VAL A 160 5.90 -21.48 -14.06
N ASP A 161 4.90 -22.38 -14.04
CA ASP A 161 4.27 -22.95 -15.24
C ASP A 161 2.84 -22.55 -15.03
N GLU A 162 1.91 -23.17 -15.72
CA GLU A 162 0.57 -22.70 -15.62
C GLU A 162 -0.25 -23.33 -14.51
N ASN A 163 0.42 -24.14 -13.68
CA ASN A 163 -0.18 -24.94 -12.61
C ASN A 163 0.19 -24.43 -11.20
N ILE A 164 0.91 -23.30 -11.15
CA ILE A 164 1.37 -22.71 -9.88
C ILE A 164 1.16 -21.19 -10.01
N ALA A 165 0.92 -20.52 -8.88
CA ALA A 165 0.83 -19.06 -8.85
C ALA A 165 -0.17 -18.56 -9.89
N THR A 166 -1.35 -19.17 -9.88
CA THR A 166 -2.37 -18.98 -10.90
C THR A 166 -3.38 -17.86 -10.57
N TYR A 167 -3.29 -17.28 -9.38
CA TYR A 167 -4.16 -16.14 -9.03
C TYR A 167 -3.34 -14.88 -8.80
N ALA A 168 -2.02 -14.97 -8.98
CA ALA A 168 -1.13 -13.84 -8.71
C ALA A 168 -1.47 -12.63 -9.57
N SER A 169 -1.68 -11.48 -8.91
CA SER A 169 -2.13 -10.26 -9.58
C SER A 169 -1.28 -9.80 -10.77
N LEU A 170 0.03 -9.94 -10.69
CA LEU A 170 0.88 -9.35 -11.70
C LEU A 170 0.91 -10.16 -12.99
N ARG A 171 0.47 -11.41 -12.91
CA ARG A 171 0.56 -12.33 -14.03
C ARG A 171 -0.53 -12.03 -15.07
N ALA A 172 -0.11 -11.71 -16.29
CA ALA A 172 -1.03 -11.43 -17.42
C ALA A 172 -2.01 -12.57 -17.73
N GLY A 173 -3.22 -12.24 -18.17
CA GLY A 173 -4.24 -13.24 -18.50
C GLY A 173 -4.92 -13.80 -17.27
N ASN A 174 -5.83 -14.75 -17.49
CA ASN A 174 -6.60 -15.34 -16.40
C ASN A 174 -7.73 -14.42 -15.94
N GLY A 175 -8.11 -13.49 -16.82
CA GLY A 175 -9.13 -12.51 -16.49
C GLY A 175 -8.57 -11.41 -15.61
N ASN A 176 -7.35 -10.97 -15.93
CA ASN A 176 -6.64 -9.94 -15.15
C ASN A 176 -6.66 -8.55 -15.84
N MET A 177 -6.88 -7.47 -15.07
CA MET A 177 -6.61 -6.09 -15.56
C MET A 177 -5.31 -5.44 -15.02
N PRO A 178 -5.00 -4.21 -15.45
CA PRO A 178 -3.82 -3.54 -14.85
C PRO A 178 -4.03 -3.19 -13.38
N LEU A 179 -2.94 -2.89 -12.69
CA LEU A 179 -2.96 -2.59 -11.28
C LEU A 179 -2.95 -1.08 -11.03
N LEU A 180 -3.74 -0.59 -10.10
CA LEU A 180 -3.60 0.83 -9.74
C LEU A 180 -2.40 0.97 -8.78
N HIS A 181 -1.36 1.68 -9.19
CA HIS A 181 -0.18 1.89 -8.36
C HIS A 181 -0.30 3.13 -7.43
N ALA A 182 -0.92 4.21 -7.92
CA ALA A 182 -0.96 5.48 -7.20
C ALA A 182 -2.19 6.33 -7.57
N SER A 183 -2.78 6.94 -6.56
CA SER A 183 -3.80 7.94 -6.75
C SER A 183 -3.21 9.23 -6.23
N ILE A 184 -3.16 10.25 -7.09
CA ILE A 184 -2.51 11.50 -6.81
C ILE A 184 -3.59 12.63 -6.93
N SER A 185 -3.90 13.29 -5.81
CA SER A 185 -4.85 14.40 -5.80
CA SER A 185 -4.82 14.40 -5.95
C SER A 185 -4.09 15.72 -5.77
N CYS A 186 -4.57 16.70 -6.49
CA CYS A 186 -3.93 18.00 -6.64
C CYS A 186 -4.87 19.08 -6.13
N LYS A 187 -4.33 20.09 -5.45
CA LYS A 187 -5.10 21.23 -4.94
C LYS A 187 -4.20 22.42 -5.16
N TRP A 188 -4.52 23.21 -6.18
CA TRP A 188 -3.69 24.39 -6.51
C TRP A 188 -3.64 25.30 -5.29
N THR A 189 -4.81 25.53 -4.69
CA THR A 189 -4.88 26.19 -3.38
C THR A 189 -5.88 25.41 -2.59
N ILE A 190 -5.99 25.77 -1.34
CA ILE A 190 -6.79 25.00 -0.40
C ILE A 190 -7.68 25.94 0.37
N ARG A 191 -8.88 25.48 0.70
CA ARG A 191 -9.62 25.99 1.87
C ARG A 191 -9.92 24.72 2.67
N SER A 192 -9.88 24.81 4.01
CA SER A 192 -10.09 23.66 4.90
C SER A 192 -11.31 22.77 4.61
N ASP A 193 -12.42 23.35 4.10
CA ASP A 193 -13.58 22.52 3.86
C ASP A 193 -13.42 21.70 2.60
N ARG A 194 -12.98 22.35 1.53
CA ARG A 194 -12.82 21.65 0.25
C ARG A 194 -11.51 20.83 0.18
N ALA A 195 -10.61 20.98 1.15
CA ALA A 195 -9.52 19.96 1.29
C ALA A 195 -10.03 18.55 1.56
N GLN A 196 -11.13 18.45 2.28
CA GLN A 196 -11.52 17.16 2.85
C GLN A 196 -11.96 16.14 1.83
N ASN A 197 -12.29 16.53 0.60
CA ASN A 197 -12.60 15.48 -0.38
C ASN A 197 -11.42 14.57 -0.75
N ALA A 198 -10.20 15.01 -0.53
CA ALA A 198 -9.09 14.09 -0.74
C ALA A 198 -9.09 13.02 0.34
N ARG A 199 -9.56 13.34 1.55
CA ARG A 199 -9.70 12.35 2.65
C ARG A 199 -10.80 11.32 2.38
N SER A 200 -11.99 11.76 1.98
CA SER A 200 -13.08 10.79 1.71
C SER A 200 -12.69 9.84 0.60
N GLU A 201 -12.00 10.36 -0.41
CA GLU A 201 -11.50 9.59 -1.54
C GLU A 201 -10.44 8.52 -1.09
N GLY A 202 -9.46 8.96 -0.29
CA GLY A 202 -8.46 8.12 0.33
C GLY A 202 -9.12 6.99 1.09
N LEU A 203 -10.12 7.36 1.85
CA LEU A 203 -10.83 6.38 2.62
C LEU A 203 -11.56 5.39 1.76
N ASN A 204 -12.18 5.88 0.68
CA ASN A 204 -12.80 4.96 -0.27
C ASN A 204 -11.85 3.89 -0.88
N LEU A 205 -10.66 4.31 -1.33
CA LEU A 205 -9.56 3.40 -1.75
C LEU A 205 -9.17 2.38 -0.72
N VAL A 206 -9.07 2.87 0.51
CA VAL A 206 -8.67 2.04 1.66
C VAL A 206 -9.71 0.96 1.83
N ARG A 207 -10.93 1.39 2.11
CA ARG A 207 -12.00 0.48 2.54
C ARG A 207 -12.45 -0.48 1.44
N ASN A 208 -12.29 -0.07 0.19
CA ASN A 208 -12.79 -0.90 -0.91
C ASN A 208 -11.83 -1.82 -1.64
N ARG A 209 -10.57 -1.89 -1.24
CA ARG A 209 -9.51 -2.52 -2.06
C ARG A 209 -9.53 -4.05 -1.93
N LYS A 210 -9.23 -4.72 -3.02
CA LYS A 210 -8.88 -6.13 -2.99
C LYS A 210 -7.45 -6.18 -3.43
N GLY A 211 -6.52 -6.35 -2.50
CA GLY A 211 -5.07 -6.32 -2.84
C GLY A 211 -4.42 -5.14 -2.16
N ARG A 212 -3.17 -4.83 -2.52
CA ARG A 212 -2.36 -3.80 -1.83
C ARG A 212 -2.94 -2.42 -2.05
N LEU A 213 -2.93 -1.58 -1.04
CA LEU A 213 -3.45 -0.19 -1.23
C LEU A 213 -2.59 0.58 -2.21
N PRO A 214 -3.20 1.34 -3.14
CA PRO A 214 -2.30 2.20 -3.93
C PRO A 214 -1.56 3.26 -3.07
N HIS A 215 -0.52 3.90 -3.62
CA HIS A 215 -0.01 5.17 -3.08
C HIS A 215 -1.19 6.15 -3.04
N ILE A 216 -1.33 6.89 -1.95
CA ILE A 216 -2.39 7.91 -1.88
C ILE A 216 -1.73 9.15 -1.37
N VAL A 217 -1.55 10.10 -2.26
CA VAL A 217 -0.83 11.32 -1.94
C VAL A 217 -1.61 12.58 -2.44
N VAL A 218 -1.22 13.75 -1.93
CA VAL A 218 -1.75 15.03 -2.36
C VAL A 218 -0.61 15.96 -2.72
N VAL A 219 -0.74 16.65 -3.84
CA VAL A 219 0.21 17.68 -4.22
C VAL A 219 -0.48 19.04 -4.18
N THR A 220 0.12 20.05 -3.58
CA THR A 220 -0.60 21.33 -3.45
C THR A 220 0.34 22.51 -3.61
N ALA A 221 -0.21 23.62 -4.10
CA ALA A 221 0.60 24.82 -4.20
C ALA A 221 0.21 25.87 -3.18
N GLU A 222 -0.60 25.43 -2.22
CA GLU A 222 -1.08 26.28 -1.18
C GLU A 222 0.09 26.89 -0.41
N PRO A 223 0.09 28.25 -0.23
CA PRO A 223 1.20 28.93 0.52
C PRO A 223 1.19 28.87 2.08
N THR A 224 0.04 28.89 2.76
CA THR A 224 0.03 28.97 4.20
C THR A 224 0.02 27.53 4.79
N PRO A 225 0.88 27.27 5.76
CA PRO A 225 0.93 26.03 6.54
C PRO A 225 -0.40 25.64 7.22
N SER A 226 -1.21 26.63 7.65
CA SER A 226 -2.45 26.28 8.34
C SER A 226 -3.38 25.62 7.37
N ARG A 227 -3.44 26.12 6.15
CA ARG A 227 -4.33 25.50 5.18
C ARG A 227 -3.80 24.15 4.73
N ILE A 228 -2.47 24.02 4.61
CA ILE A 228 -1.86 22.76 4.21
C ILE A 228 -2.17 21.72 5.26
N SER A 229 -2.11 22.12 6.53
CA SER A 229 -2.36 21.23 7.63
C SER A 229 -3.80 20.65 7.69
N SER A 230 -4.75 21.31 7.05
CA SER A 230 -6.09 20.80 7.08
C SER A 230 -6.16 19.46 6.38
N ILE A 231 -5.18 19.16 5.51
CA ILE A 231 -5.14 17.91 4.74
C ILE A 231 -3.95 17.06 5.15
N ALA A 232 -2.85 17.73 5.48
CA ALA A 232 -1.64 17.04 5.86
C ALA A 232 -1.70 16.35 7.20
N LEU A 233 -2.30 16.98 8.20
CA LEU A 233 -2.19 16.47 9.55
C LEU A 233 -3.09 15.29 9.67
N GLY A 234 -2.70 14.35 10.52
CA GLY A 234 -3.46 13.12 10.68
C GLY A 234 -2.89 12.04 9.76
N THR A 235 -3.33 10.82 10.04
CA THR A 235 -2.91 9.63 9.36
C THR A 235 -4.11 8.75 9.13
N GLY A 236 -4.03 7.95 8.09
CA GLY A 236 -5.02 6.94 7.89
C GLY A 236 -5.65 6.99 6.51
N GLU A 237 -5.82 8.20 5.96
CA GLU A 237 -6.39 8.38 4.61
C GLU A 237 -5.31 8.74 3.58
N ILE A 238 -4.48 9.74 3.90
CA ILE A 238 -3.43 10.21 3.04
C ILE A 238 -2.06 9.69 3.48
N ASP A 239 -1.30 9.05 2.57
CA ASP A 239 0.07 8.63 2.90
C ASP A 239 0.98 9.79 3.22
N CYS A 240 0.97 10.81 2.34
CA CYS A 240 1.78 12.03 2.55
C CYS A 240 1.33 13.19 1.63
N VAL A 241 1.58 14.43 2.04
CA VAL A 241 1.31 15.60 1.16
C VAL A 241 2.62 16.09 0.54
N TYR A 242 2.56 16.68 -0.66
CA TYR A 242 3.80 17.15 -1.34
C TYR A 242 3.63 18.58 -1.71
N HIS A 243 4.52 19.44 -1.23
CA HIS A 243 4.37 20.86 -1.56
C HIS A 243 5.03 21.17 -2.91
N PHE A 244 4.40 22.02 -3.69
CA PHE A 244 4.98 22.41 -5.00
C PHE A 244 6.31 23.15 -4.88
N ALA A 245 6.62 23.70 -3.71
CA ALA A 245 7.82 24.52 -3.59
C ALA A 245 8.26 24.55 -2.14
N LEU A 246 8.64 23.38 -1.60
CA LEU A 246 8.85 23.32 -0.16
C LEU A 246 10.04 24.15 0.37
N TYR A 247 11.18 24.09 -0.33
CA TYR A 247 12.40 24.75 0.08
C TYR A 247 12.16 26.24 0.12
N GLU A 248 11.43 26.72 -0.88
CA GLU A 248 11.10 28.14 -0.98
C GLU A 248 10.13 28.52 0.11
N LEU A 249 9.20 27.64 0.44
CA LEU A 249 8.28 27.98 1.52
C LEU A 249 9.08 28.11 2.81
N GLU A 250 9.92 27.11 3.09
CA GLU A 250 10.67 27.09 4.34
C GLU A 250 11.46 28.39 4.44
N GLN A 251 12.12 28.74 3.33
CA GLN A 251 12.93 29.95 3.26
C GLN A 251 12.18 31.25 3.51
N ILE A 252 10.98 31.38 2.95
CA ILE A 252 10.17 32.58 3.12
C ILE A 252 9.63 32.64 4.55
N LEU A 253 9.21 31.50 5.08
CA LEU A 253 8.73 31.45 6.46
C LEU A 253 9.82 31.98 7.38
N GLN A 254 11.08 31.60 7.16
CA GLN A 254 12.22 32.11 7.95
C GLN A 254 12.47 33.61 7.73
N SER A 255 12.54 34.02 6.47
CA SER A 255 12.76 35.41 6.16
C SER A 255 11.63 36.35 6.61
N LEU A 256 10.38 35.88 6.56
CA LEU A 256 9.23 36.71 6.98
C LEU A 256 9.11 36.71 8.49
N ASN A 257 9.95 35.92 9.15
N ASN A 257 9.93 35.91 9.15
CA ASN A 257 9.91 35.72 10.57
CA ASN A 257 9.91 35.77 10.60
C ASN A 257 8.50 35.42 11.08
C ASN A 257 8.50 35.42 11.09
N TYR A 258 7.89 34.40 10.49
CA TYR A 258 6.57 33.91 10.92
C TYR A 258 6.74 32.63 11.75
N GLU A 259 7.00 32.78 13.03
CA GLU A 259 7.47 31.64 13.83
C GLU A 259 6.41 30.64 14.08
N ASP A 260 5.18 31.07 14.24
CA ASP A 260 4.09 30.14 14.46
C ASP A 260 3.87 29.23 13.27
N ALA A 261 4.06 29.79 12.07
CA ALA A 261 3.79 29.07 10.83
C ALA A 261 5.01 28.19 10.55
N LEU A 262 6.18 28.66 10.99
CA LEU A 262 7.45 27.89 10.84
C LEU A 262 7.37 26.63 11.70
N ASP A 263 6.85 26.79 12.92
CA ASP A 263 6.54 25.67 13.79
C ASP A 263 5.68 24.60 13.09
N LEU A 264 4.54 25.07 12.57
CA LEU A 264 3.57 24.21 11.90
C LEU A 264 4.18 23.54 10.68
N PHE A 265 4.96 24.30 9.91
CA PHE A 265 5.76 23.73 8.83
C PHE A 265 6.58 22.55 9.38
N TYR A 266 7.26 22.72 10.53
CA TYR A 266 8.13 21.66 10.98
C TYR A 266 7.33 20.54 11.60
N ILE A 267 6.23 20.86 12.26
CA ILE A 267 5.41 19.80 12.77
C ILE A 267 5.13 18.87 11.56
N MET A 268 4.76 19.45 10.42
CA MET A 268 4.31 18.69 9.25
C MET A 268 5.46 17.96 8.58
N VAL A 269 6.59 18.66 8.43
CA VAL A 269 7.71 18.15 7.69
C VAL A 269 8.46 17.16 8.59
N ASN A 270 8.74 17.54 9.83
CA ASN A 270 9.40 16.59 10.74
C ASN A 270 8.50 15.38 11.09
N GLY A 271 7.19 15.62 11.09
CA GLY A 271 6.21 14.55 11.31
C GLY A 271 5.91 13.68 10.10
N LYS A 272 6.61 13.86 8.99
CA LYS A 272 6.45 13.01 7.81
C LYS A 272 5.03 13.10 7.21
N ARG A 273 4.47 14.32 7.20
CA ARG A 273 3.16 14.56 6.63
C ARG A 273 3.25 15.45 5.40
N LEU A 274 4.44 16.02 5.19
CA LEU A 274 4.71 17.00 4.14
C LEU A 274 6.17 16.95 3.62
N LYS A 275 6.30 16.99 2.30
CA LYS A 275 7.60 16.90 1.67
C LYS A 275 7.56 17.79 0.44
N ASP A 276 8.64 17.79 -0.34
CA ASP A 276 8.70 18.52 -1.62
C ASP A 276 8.17 17.69 -2.81
N ILE A 277 7.71 18.42 -3.83
CA ILE A 277 7.32 17.81 -5.06
C ILE A 277 8.38 16.84 -5.52
N SER A 278 9.64 17.12 -5.18
CA SER A 278 10.71 16.32 -5.74
C SER A 278 10.93 15.00 -5.05
N ASP A 279 10.31 14.79 -3.89
CA ASP A 279 10.34 13.53 -3.16
C ASP A 279 9.35 12.54 -3.72
N LEU A 280 8.37 13.02 -4.46
CA LEU A 280 7.26 12.16 -4.91
C LEU A 280 7.70 11.05 -5.85
N PRO A 281 8.55 11.34 -6.87
CA PRO A 281 8.91 10.23 -7.77
C PRO A 281 9.58 9.08 -7.02
N LEU A 282 10.56 9.39 -6.16
CA LEU A 282 11.14 8.33 -5.31
C LEU A 282 10.17 7.73 -4.31
N ASP A 283 9.25 8.53 -3.74
CA ASP A 283 8.27 7.92 -2.88
C ASP A 283 7.36 6.89 -3.59
N LEU A 284 7.10 7.05 -4.89
CA LEU A 284 6.27 6.11 -5.67
C LEU A 284 7.02 4.82 -6.06
N ALA A 285 8.32 4.76 -5.72
CA ALA A 285 9.16 3.61 -5.98
C ALA A 285 9.34 2.72 -4.77
N VAL A 286 8.65 3.02 -3.69
CA VAL A 286 8.80 2.23 -2.49
C VAL A 286 8.40 0.77 -2.72
N MET B 1 12.83 -30.30 -14.68
CA MET B 1 12.22 -30.57 -13.37
C MET B 1 10.98 -29.71 -13.14
N GLN B 2 10.60 -29.57 -11.88
CA GLN B 2 9.55 -28.66 -11.43
C GLN B 2 9.90 -27.19 -11.58
N PRO B 3 8.89 -26.34 -11.87
CA PRO B 3 9.23 -24.91 -11.73
C PRO B 3 9.60 -24.59 -10.28
N LEU B 4 10.51 -23.65 -10.05
CA LEU B 4 10.99 -23.42 -8.71
C LEU B 4 9.88 -23.07 -7.69
N PHE B 5 8.85 -22.28 -8.05
CA PHE B 5 7.79 -22.01 -7.07
C PHE B 5 7.05 -23.33 -6.65
N THR B 6 6.85 -24.22 -7.62
CA THR B 6 6.33 -25.54 -7.34
C THR B 6 7.23 -26.29 -6.38
N GLN B 7 8.55 -26.30 -6.60
CA GLN B 7 9.44 -26.92 -5.61
C GLN B 7 9.33 -26.29 -4.20
N GLU B 8 9.29 -24.98 -4.11
CA GLU B 8 9.19 -24.35 -2.78
C GLU B 8 7.89 -24.72 -2.15
N ARG B 9 6.79 -24.73 -2.92
CA ARG B 9 5.48 -25.17 -2.41
C ARG B 9 5.57 -26.58 -1.76
N ARG B 10 6.27 -27.52 -2.42
CA ARG B 10 6.41 -28.88 -1.89
CA ARG B 10 6.41 -28.88 -1.91
C ARG B 10 7.36 -28.89 -0.71
N ILE B 11 8.40 -28.06 -0.77
CA ILE B 11 9.31 -27.98 0.37
C ILE B 11 8.48 -27.54 1.62
N PHE B 12 7.63 -26.54 1.42
CA PHE B 12 6.73 -26.02 2.40
C PHE B 12 5.90 -27.14 3.01
N HIS B 13 5.23 -27.95 2.18
CA HIS B 13 4.46 -29.11 2.65
C HIS B 13 5.32 -30.17 3.35
N LYS B 14 6.44 -30.52 2.74
CA LYS B 14 7.34 -31.48 3.34
C LYS B 14 7.77 -31.09 4.77
N LYS B 15 8.04 -29.81 5.01
CA LYS B 15 8.37 -29.38 6.37
C LYS B 15 7.18 -29.52 7.31
N LEU B 16 5.96 -29.26 6.82
CA LEU B 16 4.83 -29.47 7.71
C LEU B 16 4.68 -30.95 8.05
N LEU B 17 4.96 -31.83 7.08
CA LEU B 17 4.86 -33.31 7.26
C LEU B 17 6.01 -33.80 8.11
N ASP B 18 7.23 -33.40 7.76
CA ASP B 18 8.38 -33.88 8.46
C ASP B 18 8.29 -33.49 9.92
N GLY B 19 7.72 -32.30 10.21
CA GLY B 19 7.73 -31.82 11.53
C GLY B 19 6.55 -32.39 12.30
N ASN B 20 5.76 -33.27 11.66
CA ASN B 20 4.48 -33.69 12.22
C ASN B 20 3.51 -32.49 12.54
N ILE B 21 3.71 -31.34 11.91
CA ILE B 21 2.80 -30.24 12.08
C ILE B 21 1.47 -30.68 11.48
N LEU B 22 1.54 -31.13 10.22
CA LEU B 22 0.46 -31.85 9.56
C LEU B 22 0.64 -33.39 9.66
N ALA B 23 -0.27 -34.07 10.32
CA ALA B 23 -0.21 -35.53 10.39
C ALA B 23 -1.64 -35.95 10.78
N THR B 24 -1.80 -37.24 11.07
CA THR B 24 -3.11 -37.80 11.37
C THR B 24 -2.93 -38.53 12.68
N ASN B 25 -3.84 -38.40 13.65
CA ASN B 25 -3.68 -39.23 14.85
C ASN B 25 -4.27 -40.62 14.61
N ASN B 26 -4.15 -41.48 15.63
CA ASN B 26 -4.60 -42.86 15.48
C ASN B 26 -6.12 -43.05 15.48
N ARG B 27 -6.88 -41.97 15.62
CA ARG B 27 -8.34 -42.02 15.42
C ARG B 27 -8.71 -41.53 14.04
N GLY B 28 -7.70 -41.28 13.22
CA GLY B 28 -7.95 -40.81 11.89
C GLY B 28 -8.15 -39.31 11.79
N VAL B 29 -7.91 -38.56 12.88
CA VAL B 29 -8.11 -37.07 12.81
C VAL B 29 -6.89 -36.38 12.20
N VAL B 30 -7.03 -35.71 11.04
CA VAL B 30 -5.92 -34.90 10.51
C VAL B 30 -5.76 -33.64 11.41
N SER B 31 -4.50 -33.34 11.77
CA SER B 31 -4.13 -32.34 12.78
C SER B 31 -4.49 -30.87 12.48
N ASN B 32 -5.04 -30.56 11.30
CA ASN B 32 -5.49 -29.19 11.09
C ASN B 32 -7.01 -29.19 11.11
N ALA B 33 -7.61 -30.35 11.37
CA ALA B 33 -9.10 -30.47 11.44
C ALA B 33 -9.63 -29.98 12.77
N ASP B 34 -10.92 -29.72 12.83
CA ASP B 34 -11.56 -29.57 14.11
C ASP B 34 -12.11 -30.99 14.22
N GLY B 35 -11.47 -31.83 15.03
CA GLY B 35 -11.79 -33.27 15.10
C GLY B 35 -13.22 -33.60 15.48
N SER B 36 -13.91 -32.64 16.06
CA SER B 36 -15.28 -32.85 16.49
C SER B 36 -16.32 -32.38 15.43
N ASN B 37 -15.83 -31.96 14.27
CA ASN B 37 -16.67 -31.51 13.21
C ASN B 37 -16.42 -32.39 12.00
N THR B 38 -17.47 -33.05 11.56
CA THR B 38 -17.42 -33.93 10.40
C THR B 38 -16.89 -33.31 9.11
N ARG B 39 -17.35 -32.12 8.75
CA ARG B 39 -16.92 -31.50 7.53
C ARG B 39 -15.45 -31.14 7.60
N SER B 40 -15.03 -30.60 8.75
CA SER B 40 -13.61 -30.30 8.95
C SER B 40 -12.74 -31.58 8.83
N PHE B 41 -13.12 -32.57 9.62
CA PHE B 41 -12.51 -33.89 9.50
C PHE B 41 -12.36 -34.34 8.04
N ASN B 42 -13.46 -34.32 7.26
CA ASN B 42 -13.43 -34.90 5.88
C ASN B 42 -12.54 -34.07 4.96
N ILE B 43 -12.71 -32.74 5.03
CA ILE B 43 -11.89 -31.84 4.21
C ILE B 43 -10.41 -31.96 4.54
N ALA B 44 -10.03 -32.06 5.79
CA ALA B 44 -8.63 -32.12 6.16
C ALA B 44 -8.01 -33.47 5.76
N LYS B 45 -8.78 -34.53 5.90
CA LYS B 45 -8.38 -35.89 5.47
C LYS B 45 -8.04 -35.89 3.99
N GLY B 46 -8.86 -35.21 3.19
CA GLY B 46 -8.68 -35.27 1.76
C GLY B 46 -7.43 -34.49 1.34
N ILE B 47 -7.26 -33.30 1.93
CA ILE B 47 -6.08 -32.46 1.64
C ILE B 47 -4.83 -33.25 2.03
N ALA B 48 -4.87 -33.85 3.22
CA ALA B 48 -3.75 -34.63 3.69
C ALA B 48 -3.47 -35.84 2.79
N ASP B 49 -4.50 -36.51 2.29
CA ASP B 49 -4.26 -37.54 1.28
C ASP B 49 -3.61 -36.90 0.03
N LEU B 50 -4.14 -35.79 -0.44
CA LEU B 50 -3.56 -35.16 -1.64
C LEU B 50 -2.08 -34.74 -1.46
N LEU B 51 -1.68 -34.51 -0.22
CA LEU B 51 -0.32 -34.11 0.09
C LEU B 51 0.49 -35.34 0.46
N HIS B 52 -0.09 -36.52 0.31
CA HIS B 52 0.62 -37.77 0.55
C HIS B 52 1.15 -37.93 1.95
N SER B 53 0.37 -37.47 2.92
CA SER B 53 0.74 -37.55 4.32
C SER B 53 0.58 -38.98 4.77
N GLU B 54 1.54 -39.48 5.54
CA GLU B 54 1.55 -40.88 5.96
C GLU B 54 1.78 -41.09 7.46
N THR B 55 2.49 -40.18 8.12
CA THR B 55 2.81 -40.32 9.52
C THR B 55 1.56 -40.37 10.43
N VAL B 56 1.62 -41.20 11.45
CA VAL B 56 0.58 -41.24 12.44
C VAL B 56 1.27 -40.86 13.75
N SER B 57 0.77 -39.76 14.33
CA SER B 57 1.29 -39.23 15.60
C SER B 57 0.19 -38.35 16.21
N GLU B 58 0.33 -38.10 17.51
CA GLU B 58 -0.61 -37.29 18.26
C GLU B 58 -0.46 -35.84 17.80
N ARG B 59 -1.59 -35.13 17.72
CA ARG B 59 -1.58 -33.71 17.42
C ARG B 59 -0.57 -32.95 18.28
N LEU B 60 0.21 -32.07 17.67
CA LEU B 60 1.06 -31.19 18.50
C LEU B 60 0.27 -30.13 19.27
N PRO B 61 0.78 -29.71 20.45
CA PRO B 61 0.10 -28.63 21.13
C PRO B 61 0.01 -27.40 20.20
N GLY B 62 -1.01 -26.59 20.38
CA GLY B 62 -1.27 -25.49 19.46
C GLY B 62 -0.17 -24.45 19.38
N GLN B 63 0.55 -24.25 20.49
CA GLN B 63 1.63 -23.24 20.53
C GLN B 63 2.76 -23.68 19.62
N THR B 64 2.91 -25.00 19.57
CA THR B 64 3.95 -25.63 18.75
C THR B 64 3.57 -25.59 17.26
N SER B 65 2.38 -26.04 16.93
CA SER B 65 1.94 -25.97 15.55
C SER B 65 1.87 -24.52 15.05
N GLY B 66 1.42 -23.57 15.90
CA GLY B 66 1.34 -22.13 15.49
C GLY B 66 2.71 -21.51 15.16
N ASN B 67 3.66 -21.76 16.05
CA ASN B 67 5.00 -21.29 15.91
C ASN B 67 5.67 -21.86 14.68
N ALA B 68 5.51 -23.15 14.47
CA ALA B 68 6.21 -23.84 13.41
C ALA B 68 5.64 -23.44 12.07
N PHE B 69 4.32 -23.24 12.02
CA PHE B 69 3.67 -22.80 10.77
C PHE B 69 4.23 -21.42 10.35
N GLU B 70 4.43 -20.52 11.33
CA GLU B 70 5.03 -19.23 11.03
C GLU B 70 6.44 -19.35 10.47
N ALA B 71 7.27 -20.17 11.11
CA ALA B 71 8.67 -20.27 10.68
C ALA B 71 8.65 -20.80 9.28
N ILE B 72 7.89 -21.86 9.08
CA ILE B 72 7.80 -22.51 7.76
C ILE B 72 7.20 -21.57 6.67
N CYS B 73 6.16 -20.79 7.01
CA CYS B 73 5.64 -19.81 6.06
C CYS B 73 6.74 -18.78 5.72
N SER B 74 7.46 -18.37 6.77
CA SER B 74 8.53 -17.39 6.68
C SER B 74 9.65 -17.85 5.70
N GLU B 75 10.00 -19.12 5.80
CA GLU B 75 11.07 -19.70 4.98
C GLU B 75 10.62 -19.79 3.52
N PHE B 76 9.37 -20.18 3.31
CA PHE B 76 8.80 -20.19 1.97
C PHE B 76 8.83 -18.79 1.31
N VAL B 77 8.35 -17.76 2.02
CA VAL B 77 8.30 -16.39 1.51
C VAL B 77 9.69 -15.91 1.13
N GLN B 78 10.61 -15.98 2.06
CA GLN B 78 11.95 -15.50 1.84
C GLN B 78 12.57 -16.17 0.59
N SER B 79 12.54 -17.49 0.59
CA SER B 79 13.11 -18.24 -0.49
C SER B 79 12.49 -17.94 -1.86
N ALA B 80 11.17 -17.87 -1.95
CA ALA B 80 10.53 -17.60 -3.24
C ALA B 80 10.66 -16.13 -3.59
N PHE B 81 10.32 -15.21 -2.68
CA PHE B 81 10.44 -13.78 -2.97
C PHE B 81 11.82 -13.31 -3.53
N GLU B 82 12.89 -13.96 -3.13
CA GLU B 82 14.25 -13.56 -3.46
C GLU B 82 14.55 -13.91 -4.93
N LYS B 83 13.62 -14.63 -5.58
CA LYS B 83 13.74 -14.96 -7.00
C LYS B 83 13.03 -13.93 -7.85
N LEU B 84 12.33 -12.98 -7.21
CA LEU B 84 11.62 -11.93 -7.93
C LEU B 84 12.39 -10.60 -8.02
N GLN B 85 13.70 -10.67 -7.88
CA GLN B 85 14.54 -9.47 -7.87
C GLN B 85 14.45 -8.60 -9.12
N HIS B 86 14.16 -9.20 -10.28
CA HIS B 86 14.02 -8.44 -11.56
C HIS B 86 12.65 -7.79 -11.73
N ILE B 87 11.69 -8.17 -10.91
CA ILE B 87 10.33 -7.59 -10.97
C ILE B 87 10.12 -6.61 -9.81
N ARG B 88 10.88 -6.86 -8.72
CA ARG B 88 10.77 -6.12 -7.45
C ARG B 88 12.13 -6.09 -6.77
N PRO B 89 13.05 -5.27 -7.27
CA PRO B 89 14.39 -5.27 -6.63
C PRO B 89 14.40 -4.48 -5.30
N GLY B 90 15.44 -4.73 -4.50
CA GLY B 90 15.53 -4.12 -3.18
C GLY B 90 16.37 -4.94 -2.21
N ASP B 91 16.76 -4.31 -1.12
CA ASP B 91 17.46 -5.00 -0.07
C ASP B 91 16.43 -5.55 0.92
N TRP B 92 15.89 -6.71 0.57
CA TRP B 92 14.75 -7.33 1.27
C TRP B 92 15.18 -8.21 2.45
N ASN B 93 14.46 -8.16 3.57
CA ASN B 93 14.64 -9.15 4.64
C ASN B 93 13.31 -9.71 5.11
N VAL B 94 13.21 -11.02 5.31
CA VAL B 94 11.97 -11.61 5.77
C VAL B 94 12.21 -12.12 7.18
N LYS B 95 11.38 -11.72 8.13
CA LYS B 95 11.67 -12.06 9.53
C LYS B 95 10.43 -12.62 10.18
N GLN B 96 10.55 -13.78 10.82
CA GLN B 96 9.55 -14.21 11.77
C GLN B 96 9.76 -13.42 13.05
N VAL B 97 8.83 -12.52 13.38
CA VAL B 97 8.95 -11.65 14.54
C VAL B 97 8.80 -12.50 15.83
N GLY B 98 7.66 -13.19 15.96
CA GLY B 98 7.38 -14.05 17.11
C GLY B 98 6.07 -13.71 17.80
N SER B 99 5.59 -14.63 18.63
CA SER B 99 4.36 -14.43 19.36
C SER B 99 4.62 -13.82 20.74
N ARG B 100 5.77 -13.17 20.87
CA ARG B 100 6.15 -12.59 22.15
C ARG B 100 6.73 -11.18 22.01
N ASN B 101 6.84 -10.71 20.77
CA ASN B 101 7.42 -9.40 20.53
C ASN B 101 6.43 -8.27 20.81
N ARG B 102 6.82 -7.04 20.47
CA ARG B 102 5.95 -5.89 20.69
C ARG B 102 6.68 -4.57 20.46
N LEU B 103 5.94 -3.59 19.94
CA LEU B 103 6.49 -2.30 19.52
C LEU B 103 7.32 -2.43 18.25
N GLU B 104 7.28 -3.60 17.61
CA GLU B 104 8.26 -3.94 16.58
C GLU B 104 8.03 -3.13 15.31
N ILE B 105 6.77 -2.81 15.03
CA ILE B 105 6.49 -1.97 13.87
C ILE B 105 7.20 -0.62 13.93
N ALA B 106 7.38 -0.07 15.14
CA ALA B 106 8.02 1.25 15.36
C ALA B 106 9.42 1.25 14.88
N ARG B 107 9.95 0.06 14.71
CA ARG B 107 11.22 -0.09 14.00
C ARG B 107 11.19 0.35 12.54
N TYR B 108 10.02 0.57 12.00
CA TYR B 108 9.93 0.78 10.57
C TYR B 108 9.47 2.17 10.24
N GLN B 109 9.87 2.66 9.07
CA GLN B 109 9.68 4.06 8.76
C GLN B 109 8.25 4.54 9.00
N GLN B 110 7.26 3.85 8.42
CA GLN B 110 5.87 4.31 8.45
C GLN B 110 5.24 4.38 9.84
N TYR B 111 5.87 3.74 10.82
CA TYR B 111 5.30 3.64 12.15
C TYR B 111 6.27 4.09 13.27
N ALA B 112 7.45 4.57 12.90
CA ALA B 112 8.47 5.00 13.87
C ALA B 112 7.93 5.94 14.94
N HIS B 113 7.04 6.84 14.52
CA HIS B 113 6.51 7.84 15.41
C HIS B 113 5.82 7.18 16.61
N LEU B 114 5.51 5.89 16.51
CA LEU B 114 4.81 5.23 17.60
C LEU B 114 5.76 5.08 18.83
N THR B 115 7.06 5.18 18.60
CA THR B 115 8.00 5.13 19.71
C THR B 115 7.84 6.40 20.55
N ALA B 116 7.63 7.50 19.83
CA ALA B 116 7.54 8.78 20.48
C ALA B 116 6.25 8.87 21.32
N LEU B 117 5.17 8.28 20.85
CA LEU B 117 3.92 8.31 21.56
C LEU B 117 4.01 7.45 22.80
N ALA B 118 4.60 6.26 22.68
CA ALA B 118 4.76 5.38 23.84
C ALA B 118 5.59 6.06 24.92
N LYS B 119 6.70 6.67 24.51
CA LYS B 119 7.58 7.28 25.50
C LYS B 119 6.91 8.50 26.15
N ALA B 120 6.04 9.15 25.39
CA ALA B 120 5.35 10.31 25.87
C ALA B 120 4.31 9.87 26.88
N ALA B 121 3.67 8.71 26.63
CA ALA B 121 2.59 8.22 27.49
C ALA B 121 3.09 7.69 28.84
N GLU B 122 4.26 7.07 28.85
CA GLU B 122 4.81 6.47 30.07
C GLU B 122 5.34 7.57 31.01
N GLU B 123 5.77 8.67 30.41
CA GLU B 123 6.26 9.82 31.17
C GLU B 123 5.10 10.60 31.77
N ASN B 124 4.07 10.90 30.97
CA ASN B 124 2.92 11.62 31.47
C ASN B 124 1.65 10.75 31.51
N PRO B 125 1.33 10.23 32.71
CA PRO B 125 0.16 9.36 32.93
C PRO B 125 -1.18 9.99 32.57
N GLU B 126 -1.28 11.31 32.75
CA GLU B 126 -2.42 12.08 32.25
C GLU B 126 -2.45 11.99 30.74
N LEU B 127 -1.31 12.23 30.10
CA LEU B 127 -1.18 12.03 28.65
C LEU B 127 -1.50 10.57 28.23
N ALA B 128 -1.05 9.61 29.04
CA ALA B 128 -1.30 8.18 28.80
C ALA B 128 -2.81 7.87 28.68
N ALA B 129 -3.58 8.43 29.63
CA ALA B 129 -5.01 8.18 29.76
C ALA B 129 -5.70 8.96 28.68
N ALA B 130 -5.27 10.21 28.49
CA ALA B 130 -5.91 11.08 27.49
C ALA B 130 -5.68 10.52 26.10
N LEU B 131 -4.59 9.77 25.96
CA LEU B 131 -4.26 9.19 24.66
C LEU B 131 -5.25 8.11 24.24
N GLY B 132 -5.49 8.07 22.93
CA GLY B 132 -6.10 6.93 22.25
C GLY B 132 -5.06 5.80 22.05
N SER B 133 -3.81 6.15 21.78
CA SER B 133 -2.75 5.15 21.57
C SER B 133 -3.13 4.10 20.50
N ASP B 134 -2.72 2.86 20.74
CA ASP B 134 -3.02 1.77 19.80
C ASP B 134 -1.76 1.29 19.09
N TYR B 135 -0.61 1.57 19.69
CA TYR B 135 0.69 1.13 19.15
C TYR B 135 1.03 -0.27 19.65
N THR B 136 0.27 -1.24 19.14
CA THR B 136 0.31 -2.66 19.56
C THR B 136 0.26 -3.60 18.35
N ILE B 137 1.04 -3.27 17.32
CA ILE B 137 1.03 -4.11 16.12
C ILE B 137 2.15 -5.11 16.22
N THR B 138 1.74 -6.37 16.32
CA THR B 138 2.70 -7.49 16.49
C THR B 138 2.58 -8.49 15.39
N PRO B 139 3.21 -8.20 14.25
CA PRO B 139 3.05 -9.11 13.13
C PRO B 139 3.74 -10.47 13.38
N ASP B 140 3.34 -11.50 12.66
CA ASP B 140 3.97 -12.78 12.80
C ASP B 140 5.23 -12.78 12.00
N ILE B 141 5.13 -12.31 10.74
CA ILE B 141 6.25 -12.31 9.85
C ILE B 141 6.27 -10.91 9.19
N ILE B 142 7.42 -10.26 9.12
CA ILE B 142 7.48 -9.04 8.36
C ILE B 142 8.37 -9.22 7.12
N VAL B 143 8.12 -8.42 6.10
CA VAL B 143 9.11 -8.24 5.07
C VAL B 143 9.51 -6.78 5.08
N THR B 144 10.81 -6.49 5.13
CA THR B 144 11.25 -5.10 5.14
C THR B 144 12.19 -4.78 3.94
N ARG B 145 12.36 -3.50 3.64
CA ARG B 145 13.27 -3.05 2.59
C ARG B 145 14.15 -1.97 3.24
N ASN B 146 15.45 -2.18 3.23
CA ASN B 146 16.45 -1.23 3.69
C ASN B 146 16.59 -0.14 2.64
N LEU B 147 17.25 0.94 3.03
CA LEU B 147 17.27 2.19 2.29
C LEU B 147 18.43 2.21 1.32
N ILE B 148 18.32 3.04 0.30
CA ILE B 148 19.17 2.94 -0.84
C ILE B 148 20.15 4.15 -0.86
N ALA B 149 21.40 3.88 -1.20
CA ALA B 149 22.43 4.90 -1.30
C ALA B 149 22.24 5.60 -2.65
N ASP B 150 22.71 6.85 -2.70
CA ASP B 150 22.78 7.62 -3.94
C ASP B 150 23.42 6.82 -5.05
N ALA B 151 24.48 6.06 -4.75
CA ALA B 151 25.10 5.18 -5.73
C ALA B 151 24.10 4.27 -6.42
N GLU B 152 23.11 3.78 -5.68
CA GLU B 152 22.06 2.96 -6.28
C GLU B 152 21.04 3.84 -7.01
N ILE B 153 20.59 4.90 -6.35
CA ILE B 153 19.71 5.83 -7.05
C ILE B 153 20.32 6.34 -8.38
N ASN B 154 21.61 6.64 -8.35
CA ASN B 154 22.31 7.24 -9.46
C ASN B 154 23.06 6.19 -10.31
N ARG B 155 22.50 4.97 -10.38
CA ARG B 155 23.21 3.84 -10.98
C ARG B 155 23.55 4.05 -12.47
N ASN B 156 22.62 4.69 -13.19
CA ASN B 156 22.65 4.86 -14.62
C ASN B 156 22.63 6.33 -15.00
N GLU B 157 22.04 7.17 -14.14
CA GLU B 157 21.98 8.66 -14.34
C GLU B 157 22.20 9.44 -13.06
N PHE B 158 22.68 10.66 -13.19
CA PHE B 158 22.84 11.52 -12.05
C PHE B 158 21.45 12.14 -11.72
N LEU B 159 20.69 11.41 -10.89
CA LEU B 159 19.30 11.76 -10.56
C LEU B 159 19.23 12.71 -9.42
N VAL B 160 20.05 12.47 -8.41
CA VAL B 160 19.94 13.22 -7.18
C VAL B 160 21.29 13.56 -6.54
N ASP B 161 21.23 14.58 -5.67
CA ASP B 161 22.28 14.98 -4.80
C ASP B 161 21.63 15.37 -3.46
N GLU B 162 22.35 16.15 -2.66
CA GLU B 162 21.97 16.28 -1.27
C GLU B 162 21.09 17.47 -1.11
N ASN B 163 20.73 18.08 -2.23
CA ASN B 163 19.93 19.29 -2.30
C ASN B 163 18.60 19.11 -3.03
N ILE B 164 18.26 17.87 -3.37
CA ILE B 164 17.01 17.58 -4.08
C ILE B 164 16.41 16.32 -3.48
N ALA B 165 15.08 16.19 -3.42
CA ALA B 165 14.51 14.93 -2.92
C ALA B 165 15.02 14.53 -1.54
N THR B 166 15.03 15.50 -0.63
CA THR B 166 15.72 15.30 0.63
C THR B 166 14.87 14.55 1.63
N TYR B 167 13.58 14.41 1.35
CA TYR B 167 12.74 13.61 2.23
C TYR B 167 12.31 12.25 1.67
N ALA B 168 12.74 11.89 0.48
CA ALA B 168 12.35 10.62 -0.09
C ALA B 168 12.58 9.43 0.88
N SER B 169 11.56 8.60 1.05
CA SER B 169 11.60 7.53 2.02
C SER B 169 12.75 6.58 1.77
N LEU B 170 13.00 6.23 0.51
CA LEU B 170 14.06 5.28 0.17
C LEU B 170 15.50 5.74 0.39
N ARG B 171 15.72 7.01 0.78
CA ARG B 171 17.08 7.56 0.85
C ARG B 171 17.71 7.36 2.17
N ALA B 172 18.83 6.65 2.14
CA ALA B 172 19.57 6.36 3.35
C ALA B 172 20.11 7.67 3.95
N GLY B 173 20.06 7.79 5.27
CA GLY B 173 20.62 8.96 5.95
C GLY B 173 19.63 9.85 6.70
N ASN B 174 20.18 10.72 7.54
CA ASN B 174 19.40 11.59 8.44
C ASN B 174 18.61 10.82 9.48
N GLY B 175 19.11 9.64 9.85
CA GLY B 175 18.42 8.74 10.79
C GLY B 175 17.13 8.16 10.23
N ASN B 176 17.13 7.87 8.93
CA ASN B 176 16.01 7.16 8.33
C ASN B 176 16.04 5.64 8.60
N MET B 177 14.89 5.09 9.01
CA MET B 177 14.73 3.63 9.23
C MET B 177 14.23 2.81 8.00
N PRO B 178 14.37 1.48 8.03
CA PRO B 178 13.89 0.62 6.93
C PRO B 178 12.41 0.68 6.78
N LEU B 179 11.95 0.46 5.57
CA LEU B 179 10.54 0.43 5.25
C LEU B 179 9.92 -0.92 5.55
N LEU B 180 8.73 -0.91 6.09
CA LEU B 180 7.92 -2.12 6.24
C LEU B 180 7.21 -2.40 4.91
N HIS B 181 7.55 -3.50 4.28
CA HIS B 181 6.99 -3.88 3.00
C HIS B 181 5.72 -4.74 3.19
N ALA B 182 5.70 -5.66 4.15
CA ALA B 182 4.57 -6.57 4.34
C ALA B 182 4.47 -7.01 5.77
N SER B 183 3.24 -7.23 6.22
CA SER B 183 2.97 -7.90 7.49
C SER B 183 2.22 -9.13 7.07
N ILE B 184 2.65 -10.30 7.53
CA ILE B 184 2.03 -11.58 7.15
C ILE B 184 1.52 -12.26 8.41
N SER B 185 0.21 -12.38 8.59
CA SER B 185 -0.36 -13.17 9.72
C SER B 185 -0.56 -14.65 9.35
N CYS B 186 -0.14 -15.54 10.23
CA CYS B 186 -0.33 -16.97 10.09
C CYS B 186 -1.39 -17.54 11.03
N LYS B 187 -2.25 -18.38 10.51
CA LYS B 187 -3.25 -19.07 11.32
C LYS B 187 -3.29 -20.54 10.89
N TRP B 188 -2.65 -21.38 11.70
CA TRP B 188 -2.58 -22.82 11.43
C TRP B 188 -4.00 -23.31 11.26
N THR B 189 -4.86 -23.01 12.23
CA THR B 189 -6.29 -23.24 12.11
C THR B 189 -7.02 -21.98 12.55
N ILE B 190 -8.32 -21.94 12.27
CA ILE B 190 -9.17 -20.79 12.59
C ILE B 190 -10.37 -21.18 13.44
N ARG B 191 -10.74 -20.32 14.38
CA ARG B 191 -12.10 -20.22 14.83
C ARG B 191 -12.47 -18.76 14.59
N SER B 192 -13.74 -18.45 14.30
CA SER B 192 -14.13 -17.12 13.89
C SER B 192 -13.84 -16.03 14.91
N ASP B 193 -13.69 -16.36 16.22
CA ASP B 193 -13.43 -15.29 17.19
C ASP B 193 -11.98 -14.90 17.17
N ARG B 194 -11.10 -15.89 17.36
CA ARG B 194 -9.64 -15.70 17.34
C ARG B 194 -9.08 -15.29 15.97
N ALA B 195 -9.89 -15.40 14.93
CA ALA B 195 -9.47 -14.94 13.63
C ALA B 195 -9.43 -13.40 13.53
N GLN B 196 -10.14 -12.68 14.42
CA GLN B 196 -10.39 -11.25 14.22
C GLN B 196 -9.20 -10.38 14.63
N ASN B 197 -8.24 -10.96 15.37
CA ASN B 197 -7.07 -10.16 15.63
C ASN B 197 -6.26 -9.78 14.37
N ALA B 198 -6.33 -10.57 13.31
CA ALA B 198 -5.70 -10.15 12.06
C ALA B 198 -6.39 -8.86 11.52
N ARG B 199 -7.70 -8.73 11.72
CA ARG B 199 -8.42 -7.53 11.24
C ARG B 199 -8.00 -6.32 12.03
N SER B 200 -8.08 -6.41 13.35
CA SER B 200 -7.59 -5.29 14.18
C SER B 200 -6.12 -4.91 13.88
N GLU B 201 -5.25 -5.91 13.64
CA GLU B 201 -3.88 -5.57 13.28
C GLU B 201 -3.83 -4.81 11.95
N GLY B 202 -4.55 -5.31 10.92
CA GLY B 202 -4.62 -4.67 9.62
C GLY B 202 -5.11 -3.23 9.81
N LEU B 203 -6.23 -3.07 10.53
CA LEU B 203 -6.78 -1.78 10.89
C LEU B 203 -5.73 -0.84 11.56
N ASN B 204 -4.97 -1.36 12.52
CA ASN B 204 -3.97 -0.53 13.17
C ASN B 204 -2.92 -0.02 12.18
N LEU B 205 -2.52 -0.88 11.24
CA LEU B 205 -1.54 -0.52 10.21
C LEU B 205 -2.08 0.55 9.27
N VAL B 206 -3.37 0.42 8.95
CA VAL B 206 -4.00 1.35 8.05
C VAL B 206 -4.04 2.74 8.70
N ARG B 207 -4.51 2.81 9.94
CA ARG B 207 -4.85 4.08 10.59
C ARG B 207 -3.65 4.86 11.09
N ASN B 208 -2.53 4.20 11.32
CA ASN B 208 -1.37 4.85 11.91
C ASN B 208 -0.17 5.13 11.02
N ARG B 209 -0.29 4.77 9.76
CA ARG B 209 0.81 4.81 8.83
C ARG B 209 1.11 6.25 8.46
N LYS B 210 2.41 6.53 8.37
CA LYS B 210 2.94 7.66 7.62
C LYS B 210 3.70 7.19 6.36
N GLY B 211 3.06 7.25 5.20
CA GLY B 211 3.65 6.75 3.94
C GLY B 211 2.81 5.58 3.40
N ARG B 212 3.36 4.80 2.47
CA ARG B 212 2.62 3.76 1.77
C ARG B 212 2.31 2.62 2.72
N LEU B 213 1.06 2.16 2.70
CA LEU B 213 0.64 1.04 3.53
C LEU B 213 1.39 -0.23 3.07
N PRO B 214 1.90 -1.05 4.01
CA PRO B 214 2.46 -2.35 3.63
C PRO B 214 1.39 -3.27 3.03
N HIS B 215 1.83 -4.34 2.36
CA HIS B 215 0.98 -5.50 2.12
C HIS B 215 0.42 -5.99 3.44
N ILE B 216 -0.85 -6.34 3.52
CA ILE B 216 -1.38 -6.90 4.75
C ILE B 216 -2.06 -8.18 4.34
N VAL B 217 -1.48 -9.33 4.73
CA VAL B 217 -1.95 -10.59 4.22
C VAL B 217 -2.09 -11.61 5.34
N VAL B 218 -2.86 -12.67 5.07
CA VAL B 218 -3.08 -13.71 6.05
C VAL B 218 -2.80 -15.03 5.35
N VAL B 219 -2.02 -15.89 5.99
CA VAL B 219 -1.82 -17.26 5.48
C VAL B 219 -2.46 -18.26 6.48
N THR B 220 -3.18 -19.26 5.98
CA THR B 220 -3.93 -20.18 6.87
C THR B 220 -3.89 -21.62 6.30
N ALA B 221 -3.89 -22.62 7.19
CA ALA B 221 -4.10 -24.04 6.81
C ALA B 221 -5.50 -24.53 7.25
N GLU B 222 -6.35 -23.58 7.64
CA GLU B 222 -7.72 -23.93 8.00
C GLU B 222 -8.45 -24.73 6.87
N PRO B 223 -9.00 -25.90 7.19
CA PRO B 223 -9.62 -26.63 6.10
C PRO B 223 -10.97 -26.12 5.63
N THR B 224 -11.81 -25.57 6.52
CA THR B 224 -13.18 -25.23 6.11
C THR B 224 -13.36 -23.81 5.55
N PRO B 225 -13.95 -23.68 4.32
CA PRO B 225 -14.26 -22.35 3.75
C PRO B 225 -15.01 -21.42 4.68
N SER B 226 -15.90 -21.94 5.52
CA SER B 226 -16.61 -21.04 6.43
C SER B 226 -15.72 -20.33 7.45
N ARG B 227 -14.79 -21.04 8.07
CA ARG B 227 -13.86 -20.44 8.99
C ARG B 227 -12.85 -19.54 8.28
N ILE B 228 -12.31 -19.98 7.13
CA ILE B 228 -11.54 -19.09 6.27
C ILE B 228 -12.30 -17.81 5.93
N SER B 229 -13.63 -17.93 5.74
CA SER B 229 -14.48 -16.78 5.39
C SER B 229 -14.59 -15.74 6.51
N SER B 230 -14.45 -16.16 7.78
CA SER B 230 -14.54 -15.16 8.86
C SER B 230 -13.37 -14.19 8.84
N ILE B 231 -12.31 -14.50 8.10
CA ILE B 231 -11.20 -13.57 7.95
C ILE B 231 -11.08 -13.08 6.52
N ALA B 232 -11.48 -13.92 5.55
CA ALA B 232 -11.30 -13.52 4.15
C ALA B 232 -12.35 -12.57 3.58
N LEU B 233 -13.59 -12.69 4.01
CA LEU B 233 -14.63 -11.91 3.43
C LEU B 233 -14.57 -10.45 3.91
N GLY B 234 -14.99 -9.50 3.08
CA GLY B 234 -14.87 -8.10 3.49
C GLY B 234 -13.54 -7.50 3.06
N THR B 235 -13.51 -6.16 3.01
CA THR B 235 -12.38 -5.42 2.52
C THR B 235 -11.99 -4.26 3.48
N GLY B 236 -10.77 -3.77 3.36
CA GLY B 236 -10.38 -2.62 4.14
C GLY B 236 -9.26 -2.88 5.13
N GLU B 237 -9.23 -4.08 5.68
CA GLU B 237 -8.21 -4.44 6.65
C GLU B 237 -7.18 -5.40 6.05
N ILE B 238 -7.65 -6.40 5.29
CA ILE B 238 -6.79 -7.48 4.87
C ILE B 238 -6.72 -7.40 3.36
N ASP B 239 -5.52 -7.41 2.82
CA ASP B 239 -5.42 -7.32 1.36
C ASP B 239 -5.98 -8.60 0.74
N CYS B 240 -5.56 -9.77 1.25
CA CYS B 240 -5.98 -11.02 0.67
C CYS B 240 -5.54 -12.16 1.62
N VAL B 241 -6.19 -13.33 1.56
CA VAL B 241 -5.89 -14.52 2.39
C VAL B 241 -5.28 -15.57 1.43
N TYR B 242 -4.29 -16.32 1.92
CA TYR B 242 -3.56 -17.30 1.13
C TYR B 242 -3.67 -18.63 1.87
N HIS B 243 -4.12 -19.69 1.18
CA HIS B 243 -4.31 -21.01 1.79
C HIS B 243 -3.06 -21.91 1.64
N PHE B 244 -2.70 -22.67 2.65
CA PHE B 244 -1.51 -23.50 2.55
C PHE B 244 -1.59 -24.56 1.43
N ALA B 245 -2.81 -24.89 1.01
CA ALA B 245 -3.02 -25.93 0.03
C ALA B 245 -4.32 -25.70 -0.78
N LEU B 246 -4.42 -24.59 -1.50
CA LEU B 246 -5.72 -24.22 -2.13
C LEU B 246 -6.18 -25.27 -3.12
N TYR B 247 -5.25 -25.78 -3.95
CA TYR B 247 -5.60 -26.61 -5.06
C TYR B 247 -6.23 -27.91 -4.50
N GLU B 248 -5.60 -28.41 -3.45
CA GLU B 248 -6.03 -29.59 -2.76
C GLU B 248 -7.39 -29.35 -2.15
N LEU B 249 -7.57 -28.18 -1.53
CA LEU B 249 -8.84 -27.82 -0.99
C LEU B 249 -9.94 -27.80 -2.07
N GLU B 250 -9.68 -27.19 -3.22
CA GLU B 250 -10.63 -27.19 -4.34
C GLU B 250 -11.06 -28.64 -4.75
N GLN B 251 -10.09 -29.50 -4.99
CA GLN B 251 -10.32 -30.89 -5.38
C GLN B 251 -11.23 -31.56 -4.38
N ILE B 252 -10.91 -31.47 -3.10
CA ILE B 252 -11.66 -32.20 -2.08
C ILE B 252 -13.10 -31.67 -1.95
N LEU B 253 -13.26 -30.36 -2.01
CA LEU B 253 -14.62 -29.80 -1.96
C LEU B 253 -15.45 -30.30 -3.13
N GLN B 254 -14.83 -30.50 -4.27
CA GLN B 254 -15.54 -30.94 -5.47
C GLN B 254 -15.96 -32.39 -5.28
N SER B 255 -15.03 -33.23 -4.80
CA SER B 255 -15.30 -34.67 -4.73
C SER B 255 -16.26 -35.05 -3.56
N LEU B 256 -16.34 -34.18 -2.54
CA LEU B 256 -17.25 -34.35 -1.40
C LEU B 256 -18.65 -33.80 -1.62
N ASN B 257 -18.87 -32.99 -2.64
CA ASN B 257 -20.23 -32.43 -2.77
C ASN B 257 -20.77 -31.61 -1.59
N TYR B 258 -19.89 -31.01 -0.81
CA TYR B 258 -20.32 -29.97 0.11
C TYR B 258 -20.55 -28.74 -0.78
N GLU B 259 -21.77 -28.58 -1.31
CA GLU B 259 -21.99 -27.63 -2.39
C GLU B 259 -22.01 -26.19 -1.88
N ASP B 260 -22.58 -25.97 -0.69
CA ASP B 260 -22.43 -24.65 -0.12
C ASP B 260 -20.95 -24.27 0.20
N ALA B 261 -20.13 -25.24 0.61
CA ALA B 261 -18.71 -24.97 0.94
C ALA B 261 -17.94 -24.61 -0.33
N LEU B 262 -18.24 -25.33 -1.42
CA LEU B 262 -17.65 -25.07 -2.72
C LEU B 262 -18.07 -23.71 -3.27
N ASP B 263 -19.36 -23.40 -3.18
CA ASP B 263 -19.84 -22.05 -3.52
C ASP B 263 -19.08 -20.97 -2.71
N LEU B 264 -18.98 -21.14 -1.40
CA LEU B 264 -18.28 -20.15 -0.58
C LEU B 264 -16.83 -20.01 -1.05
N PHE B 265 -16.18 -21.15 -1.28
CA PHE B 265 -14.84 -21.20 -1.85
C PHE B 265 -14.69 -20.35 -3.13
N TYR B 266 -15.58 -20.52 -4.10
CA TYR B 266 -15.51 -19.71 -5.33
C TYR B 266 -15.86 -18.23 -5.13
N ILE B 267 -16.87 -17.93 -4.31
CA ILE B 267 -17.10 -16.54 -3.85
C ILE B 267 -15.81 -15.81 -3.41
N MET B 268 -15.00 -16.47 -2.56
CA MET B 268 -13.73 -15.89 -2.06
C MET B 268 -12.58 -15.78 -3.10
N VAL B 269 -12.32 -16.90 -3.81
CA VAL B 269 -11.32 -16.96 -4.87
C VAL B 269 -11.67 -16.05 -6.04
N ASN B 270 -12.88 -16.19 -6.60
CA ASN B 270 -13.30 -15.33 -7.71
C ASN B 270 -13.48 -13.91 -7.24
N GLY B 271 -13.84 -13.76 -5.95
CA GLY B 271 -13.92 -12.44 -5.29
C GLY B 271 -12.60 -11.86 -4.86
N LYS B 272 -11.47 -12.42 -5.30
CA LYS B 272 -10.15 -11.87 -4.92
C LYS B 272 -9.88 -11.71 -3.39
N ARG B 273 -10.37 -12.65 -2.59
CA ARG B 273 -10.13 -12.64 -1.13
C ARG B 273 -9.33 -13.86 -0.69
N LEU B 274 -9.20 -14.85 -1.57
CA LEU B 274 -8.49 -16.13 -1.29
C LEU B 274 -7.60 -16.63 -2.41
N LYS B 275 -6.34 -16.92 -2.12
CA LYS B 275 -5.41 -17.37 -3.13
C LYS B 275 -4.63 -18.57 -2.63
N ASP B 276 -3.70 -19.06 -3.42
CA ASP B 276 -2.83 -20.15 -2.94
C ASP B 276 -1.57 -19.58 -2.28
N ILE B 277 -0.96 -20.36 -1.39
CA ILE B 277 0.32 -19.96 -0.83
C ILE B 277 1.27 -19.54 -1.98
N SER B 278 1.24 -20.24 -3.13
CA SER B 278 2.24 -19.94 -4.21
C SER B 278 1.99 -18.61 -4.90
N ASP B 279 0.86 -17.95 -4.61
CA ASP B 279 0.58 -16.68 -5.22
C ASP B 279 1.21 -15.55 -4.38
N LEU B 280 1.52 -15.85 -3.12
CA LEU B 280 1.99 -14.81 -2.21
C LEU B 280 3.28 -14.09 -2.69
N PRO B 281 4.36 -14.84 -3.03
CA PRO B 281 5.59 -14.17 -3.40
C PRO B 281 5.41 -13.18 -4.51
N LEU B 282 4.68 -13.55 -5.55
CA LEU B 282 4.40 -12.65 -6.64
C LEU B 282 3.50 -11.51 -6.23
N ASP B 283 2.55 -11.75 -5.30
CA ASP B 283 1.71 -10.63 -4.84
C ASP B 283 2.51 -9.59 -4.02
N LEU B 284 3.66 -10.01 -3.48
CA LEU B 284 4.58 -9.13 -2.77
C LEU B 284 5.47 -8.29 -3.69
N ALA B 285 5.40 -8.57 -4.99
CA ALA B 285 6.16 -7.85 -6.02
C ALA B 285 5.38 -6.75 -6.73
N VAL B 286 4.09 -6.61 -6.42
CA VAL B 286 3.21 -5.72 -7.20
C VAL B 286 3.76 -4.28 -7.23
CA CA E . -8.31 17.70 -6.84
CA CA F . -0.94 -15.50 13.93
CA CA G . -16.75 33.87 -6.72
#